data_3QQY
#
_entry.id   3QQY
#
_cell.length_a   37.948
_cell.length_b   73.933
_cell.length_c   166.930
_cell.angle_alpha   90.00
_cell.angle_beta   90.00
_cell.angle_gamma   90.00
#
_symmetry.space_group_name_H-M   'P 21 21 21'
#
loop_
_entity.id
_entity.type
_entity.pdbx_description
1 polymer 'Ribosomal protein 3/homing endonuclease-like protein fusion'
2 polymer 'DNA (26-MER)'
3 polymer 'DNA (26-MER)'
4 non-polymer 'MAGNESIUM ION'
5 water water
#
loop_
_entity_poly.entity_id
_entity_poly.type
_entity_poly.pdbx_seq_one_letter_code
_entity_poly.pdbx_strand_id
1 'polypeptide(L)'
;GPLGSAYMSRRESINPWILTGFADAEGSFLLRIRNNNKSSVGYSTELGFQITLHNKDKSILENIQSTWKVGVIANSGDNA
VSLKVTRFEDLKVIIDHFEKYPLITQKLGDYMLFKQAFCVMENKEHLKINGIKELVRIKAKLNWGLTDELKKAFPEIISK
ERSLINKNIPNFKWLAGFTSGEGCFFVNLIKSKSKLGVQVQLVFSITQHIKDKNLMNSLITYLGCGYIKEKNKSEFSWLD
FVVTKFSDINDKIIPVFQENTLIGVKLEDFEDWCKVAKLIEEKKHLTESGLDEIKKIKLNMNKGRVF
;
A
2 'polydeoxyribonucleotide'
;(DC)(DT)(DT)(DT)(DC)(DC)(DA)(DC)(DT)(DT)(DA)(DT)(DT)(DC)(DA)(DA)(DC)(DC)(DT)(DT)
(DT)(DT)(DA)(DC)(DC)(DC)
;
B
3 'polydeoxyribonucleotide'
;(DG)(DG)(DT)(DA)(DA)(DA)(DA)(DG)(DG)(DT)(DT)(DG)(DA)(DA)(DT)(DA)(DA)(DG)(DT)(DG)
(DG)(DA)(DA)(DA)(DG)(DG)
;
C
#
# COMPACT_ATOMS: atom_id res chain seq x y z
N ALA A 6 13.89 -7.05 21.21
CA ALA A 6 13.09 -7.36 19.99
C ALA A 6 13.82 -8.36 19.06
N TYR A 7 13.04 -9.26 18.44
CA TYR A 7 13.50 -10.33 17.54
C TYR A 7 13.10 -10.09 16.10
N MET A 8 14.02 -10.34 15.17
CA MET A 8 13.81 -10.06 13.73
C MET A 8 12.69 -10.89 13.09
N SER A 9 12.45 -12.08 13.62
CA SER A 9 11.42 -12.93 13.04
C SER A 9 10.59 -13.70 14.08
N ARG A 10 9.89 -12.97 14.99
CA ARG A 10 8.85 -13.57 15.90
C ARG A 10 7.65 -14.04 15.09
N ARG A 11 7.22 -13.15 14.20
CA ARG A 11 6.07 -13.34 13.33
C ARG A 11 6.53 -14.08 12.10
N GLU A 12 5.60 -14.75 11.41
CA GLU A 12 5.90 -15.51 10.19
C GLU A 12 6.23 -14.56 9.01
N SER A 13 6.98 -15.09 8.05
CA SER A 13 7.20 -14.37 6.81
C SER A 13 5.96 -14.48 5.93
N ILE A 14 5.88 -13.63 4.93
CA ILE A 14 4.81 -13.71 3.94
C ILE A 14 5.37 -13.99 2.55
N ASN A 15 4.46 -14.30 1.63
CA ASN A 15 4.77 -14.55 0.25
C ASN A 15 5.31 -13.26 -0.44
N PRO A 16 6.43 -13.35 -1.18
CA PRO A 16 7.09 -12.18 -1.76
C PRO A 16 6.23 -11.39 -2.75
N TRP A 17 5.34 -12.04 -3.50
CA TRP A 17 4.38 -11.32 -4.33
C TRP A 17 3.35 -10.56 -3.54
N ILE A 18 2.92 -11.12 -2.41
CA ILE A 18 2.04 -10.41 -1.49
C ILE A 18 2.80 -9.21 -0.90
N LEU A 19 4.05 -9.46 -0.49
CA LEU A 19 4.87 -8.39 0.06
C LEU A 19 4.93 -7.28 -0.97
N THR A 20 5.24 -7.62 -2.22
CA THR A 20 5.32 -6.60 -3.29
C THR A 20 3.99 -5.85 -3.54
N GLY A 21 2.87 -6.58 -3.56
CA GLY A 21 1.58 -5.90 -3.68
C GLY A 21 1.38 -4.94 -2.54
N PHE A 22 1.73 -5.35 -1.34
CA PHE A 22 1.56 -4.46 -0.23
C PHE A 22 2.44 -3.23 -0.38
N ALA A 23 3.64 -3.45 -0.93
CA ALA A 23 4.59 -2.38 -1.12
C ALA A 23 4.17 -1.40 -2.25
N ASP A 24 3.55 -1.89 -3.31
CA ASP A 24 2.87 -1.01 -4.28
C ASP A 24 1.76 -0.15 -3.64
N ALA A 25 1.12 -0.66 -2.61
CA ALA A 25 -0.02 0.06 -2.04
C ALA A 25 0.46 0.98 -0.90
N GLU A 26 1.51 0.60 -0.18
CA GLU A 26 1.95 1.39 0.95
C GLU A 26 3.46 1.61 0.94
N GLY A 27 3.90 2.74 1.50
CA GLY A 27 5.32 2.99 1.68
C GLY A 27 5.99 3.86 0.60
N SER A 28 7.15 4.44 0.96
CA SER A 28 7.91 5.25 0.01
C SER A 28 9.42 5.09 0.12
N PHE A 29 10.12 5.39 -0.97
CA PHE A 29 11.57 5.43 -0.94
C PHE A 29 11.96 6.74 -0.34
N LEU A 30 13.17 6.86 0.20
CA LEU A 30 13.63 8.09 0.78
C LEU A 30 15.09 8.24 0.32
N LEU A 31 15.43 9.49 0.01
CA LEU A 31 16.74 9.98 -0.28
C LEU A 31 16.88 11.31 0.49
N ARG A 32 17.59 11.29 1.62
CA ARG A 32 17.87 12.50 2.38
C ARG A 32 19.21 13.11 1.98
N ILE A 33 19.26 14.44 1.89
CA ILE A 33 20.46 15.12 1.52
C ILE A 33 20.58 16.28 2.48
N ARG A 34 21.30 16.07 3.57
CA ARG A 34 21.25 17.02 4.71
C ARG A 34 22.47 17.91 4.71
N ASN A 35 22.27 19.17 4.93
CA ASN A 35 23.35 20.08 5.12
C ASN A 35 24.13 19.56 6.35
N ASN A 36 25.44 19.36 6.23
CA ASN A 36 26.20 18.76 7.34
C ASN A 36 27.62 19.33 7.53
N ASN A 37 27.78 20.23 8.50
CA ASN A 37 29.09 20.81 8.86
C ASN A 37 30.20 19.79 8.78
N LYS A 38 29.89 18.57 9.23
CA LYS A 38 30.92 17.60 9.61
C LYS A 38 31.36 16.73 8.44
N SER A 39 30.65 16.84 7.32
CA SER A 39 30.91 15.98 6.20
C SER A 39 31.94 16.69 5.34
N SER A 40 32.84 15.96 4.69
CA SER A 40 33.87 16.64 3.84
C SER A 40 33.16 17.56 2.85
N VAL A 41 32.09 17.05 2.27
CA VAL A 41 31.45 17.72 1.17
C VAL A 41 30.40 18.72 1.68
N GLY A 42 30.14 18.78 3.00
CA GLY A 42 29.17 19.73 3.55
C GLY A 42 27.75 19.21 3.54
N TYR A 43 27.56 17.99 3.01
CA TYR A 43 26.26 17.26 3.07
C TYR A 43 26.44 15.80 3.38
N SER A 44 25.47 15.22 4.05
CA SER A 44 25.45 13.78 4.16
C SER A 44 24.14 13.25 3.64
N THR A 45 24.11 11.94 3.33
CA THR A 45 22.96 11.33 2.77
C THR A 45 22.45 10.13 3.58
N GLU A 46 21.22 9.71 3.28
CA GLU A 46 20.68 8.51 3.84
C GLU A 46 19.70 8.02 2.78
N LEU A 47 19.82 6.76 2.41
CA LEU A 47 18.96 6.23 1.37
C LEU A 47 18.16 5.09 1.93
N GLY A 48 16.94 4.91 1.49
CA GLY A 48 16.22 3.74 1.97
C GLY A 48 14.82 3.59 1.51
N PHE A 49 14.11 2.72 2.23
CA PHE A 49 12.71 2.49 1.95
C PHE A 49 11.99 2.38 3.28
N GLN A 50 10.76 2.88 3.32
CA GLN A 50 9.97 2.94 4.56
C GLN A 50 8.46 2.74 4.41
N ILE A 51 7.85 2.23 5.49
CA ILE A 51 6.38 2.10 5.64
C ILE A 51 5.94 2.54 7.04
N THR A 52 5.05 3.51 7.09
CA THR A 52 4.41 3.94 8.35
C THR A 52 2.92 3.54 8.37
N LEU A 53 2.55 2.75 9.39
CA LEU A 53 1.18 2.29 9.59
C LEU A 53 0.67 2.62 11.01
N HIS A 54 -0.65 2.73 11.17
CA HIS A 54 -1.23 2.75 12.50
C HIS A 54 -0.80 1.53 13.30
N ASN A 55 -0.65 1.70 14.62
CA ASN A 55 -0.29 0.61 15.54
C ASN A 55 -1.03 -0.70 15.25
N LYS A 56 -2.33 -0.62 14.95
CA LYS A 56 -3.14 -1.79 14.58
C LYS A 56 -2.47 -2.78 13.56
N ASP A 57 -1.59 -2.29 12.70
CA ASP A 57 -1.09 -3.08 11.58
C ASP A 57 0.42 -3.29 11.71
N LYS A 58 0.88 -3.32 12.95
CA LYS A 58 2.27 -3.61 13.26
C LYS A 58 2.67 -5.04 12.81
N SER A 59 1.75 -5.99 12.94
CA SER A 59 2.02 -7.33 12.52
C SER A 59 2.54 -7.37 11.07
N ILE A 60 2.04 -6.49 10.21
CA ILE A 60 2.50 -6.44 8.81
C ILE A 60 4.01 -6.05 8.71
N LEU A 61 4.41 -5.00 9.43
CA LEU A 61 5.80 -4.60 9.45
C LEU A 61 6.67 -5.79 9.91
N GLU A 62 6.14 -6.60 10.82
CA GLU A 62 6.93 -7.69 11.33
C GLU A 62 7.04 -8.79 10.29
N ASN A 63 5.92 -9.01 9.59
CA ASN A 63 5.88 -9.95 8.49
C ASN A 63 6.96 -9.62 7.49
N ILE A 64 7.04 -8.34 7.09
CA ILE A 64 7.98 -7.89 6.09
C ILE A 64 9.40 -8.04 6.61
N GLN A 65 9.64 -7.52 7.82
CA GLN A 65 10.96 -7.59 8.46
C GLN A 65 11.46 -9.04 8.52
N SER A 66 10.53 -9.91 8.87
CA SER A 66 10.79 -11.33 8.97
C SER A 66 11.01 -11.99 7.60
N THR A 67 10.43 -11.40 6.56
CA THR A 67 10.68 -11.92 5.22
C THR A 67 12.03 -11.46 4.67
N TRP A 68 12.36 -10.20 4.83
CA TRP A 68 13.58 -9.69 4.28
C TRP A 68 14.75 -9.85 5.24
N LYS A 69 14.45 -9.96 6.53
CA LYS A 69 15.52 -9.99 7.55
C LYS A 69 16.31 -8.66 7.66
N VAL A 70 15.67 -7.56 7.30
CA VAL A 70 16.32 -6.26 7.39
C VAL A 70 15.30 -5.24 7.88
N GLY A 71 15.73 -4.01 8.16
CA GLY A 71 14.76 -3.02 8.50
C GLY A 71 14.68 -2.85 9.98
N VAL A 72 14.30 -1.64 10.40
CA VAL A 72 14.12 -1.35 11.82
C VAL A 72 12.68 -1.04 12.09
N ILE A 73 12.08 -1.61 13.10
CA ILE A 73 10.71 -1.23 13.37
C ILE A 73 10.74 -0.27 14.56
N ALA A 74 10.09 0.89 14.45
CA ALA A 74 10.08 1.82 15.59
C ALA A 74 8.74 2.48 15.78
N ASN A 75 8.51 3.03 16.97
CA ASN A 75 7.38 3.91 17.15
C ASN A 75 7.51 5.09 16.20
N SER A 76 6.37 5.53 15.69
CA SER A 76 6.32 6.71 14.84
C SER A 76 5.30 7.66 15.45
N GLY A 77 5.65 8.31 16.57
CA GLY A 77 4.67 9.04 17.36
C GLY A 77 3.80 8.03 18.08
N ASP A 78 2.79 8.47 18.80
CA ASP A 78 2.00 7.52 19.57
C ASP A 78 1.11 6.63 18.72
N ASN A 79 0.64 7.17 17.60
CA ASN A 79 -0.47 6.54 16.85
C ASN A 79 -0.01 5.53 15.82
N ALA A 80 1.29 5.52 15.56
CA ALA A 80 1.76 4.78 14.40
C ALA A 80 3.11 4.11 14.67
N VAL A 81 3.50 3.21 13.76
CA VAL A 81 4.81 2.56 13.83
C VAL A 81 5.44 2.51 12.42
N SER A 82 6.77 2.43 12.35
CA SER A 82 7.40 2.38 11.01
C SER A 82 8.39 1.31 10.86
N LEU A 83 8.53 0.85 9.64
CA LEU A 83 9.63 0.02 9.24
C LEU A 83 10.49 0.83 8.28
N LYS A 84 11.77 1.01 8.61
CA LYS A 84 12.68 1.73 7.74
C LYS A 84 13.87 0.86 7.53
N VAL A 85 14.23 0.73 6.27
CA VAL A 85 15.47 0.15 5.86
C VAL A 85 16.36 1.27 5.29
N THR A 86 17.42 1.65 6.01
CA THR A 86 18.43 2.52 5.38
C THR A 86 19.88 2.03 5.51
N ARG A 87 20.12 1.01 6.36
CA ARG A 87 21.41 0.36 6.33
C ARG A 87 21.84 0.02 4.86
N PHE A 88 22.90 0.65 4.40
CA PHE A 88 23.24 0.58 2.97
C PHE A 88 23.32 -0.80 2.36
N GLU A 89 24.07 -1.73 2.97
CA GLU A 89 24.20 -3.06 2.39
C GLU A 89 22.89 -3.83 2.44
N ASP A 90 22.00 -3.51 3.40
CA ASP A 90 20.67 -4.13 3.42
C ASP A 90 19.74 -3.75 2.24
N LEU A 91 19.97 -2.58 1.65
CA LEU A 91 19.26 -2.19 0.47
C LEU A 91 19.49 -3.19 -0.71
N LYS A 92 20.57 -3.98 -0.65
CA LYS A 92 20.76 -5.01 -1.69
C LYS A 92 19.64 -6.04 -1.58
N VAL A 93 19.11 -6.26 -0.38
CA VAL A 93 18.06 -7.26 -0.17
C VAL A 93 16.77 -6.72 -0.79
N ILE A 94 16.52 -5.45 -0.56
CA ILE A 94 15.39 -4.78 -1.16
C ILE A 94 15.49 -4.72 -2.65
N ILE A 95 16.62 -4.26 -3.18
CA ILE A 95 16.87 -4.37 -4.62
C ILE A 95 16.66 -5.77 -5.16
N ASP A 96 17.25 -6.73 -4.49
CA ASP A 96 17.10 -8.13 -4.98
C ASP A 96 15.62 -8.57 -4.98
N HIS A 97 14.86 -8.16 -3.95
CA HIS A 97 13.44 -8.46 -3.90
C HIS A 97 12.67 -7.86 -5.07
N PHE A 98 12.82 -6.55 -5.27
CA PHE A 98 12.13 -5.84 -6.38
C PHE A 98 12.55 -6.16 -7.79
N GLU A 99 13.76 -6.69 -7.99
CA GLU A 99 14.14 -7.12 -9.35
C GLU A 99 13.37 -8.38 -9.73
N LYS A 100 13.10 -9.19 -8.72
CA LYS A 100 12.55 -10.50 -8.93
C LYS A 100 11.02 -10.46 -8.82
N TYR A 101 10.50 -9.67 -7.88
CA TYR A 101 9.06 -9.48 -7.74
C TYR A 101 8.67 -8.04 -7.94
N PRO A 102 8.65 -7.59 -9.21
CA PRO A 102 8.65 -6.12 -9.43
C PRO A 102 7.37 -5.37 -9.13
N LEU A 103 7.50 -4.10 -8.77
CA LEU A 103 6.37 -3.18 -8.50
C LEU A 103 5.74 -2.82 -9.86
N ILE A 104 4.46 -2.46 -9.86
CA ILE A 104 3.76 -2.13 -11.10
C ILE A 104 2.96 -0.83 -11.06
N THR A 105 2.80 -0.16 -9.90
CA THR A 105 2.18 1.16 -9.88
C THR A 105 3.20 2.25 -10.26
N GLN A 106 2.82 3.52 -10.10
CA GLN A 106 3.74 4.62 -10.40
C GLN A 106 4.94 4.56 -9.44
N LYS A 107 4.76 3.89 -8.30
CA LYS A 107 5.88 3.66 -7.38
C LYS A 107 7.08 2.90 -8.01
N LEU A 108 6.86 2.16 -9.10
CA LEU A 108 7.99 1.53 -9.80
C LEU A 108 9.01 2.60 -10.17
N GLY A 109 8.52 3.73 -10.70
CA GLY A 109 9.39 4.89 -11.08
C GLY A 109 10.23 5.35 -9.88
N ASP A 110 9.63 5.40 -8.71
CA ASP A 110 10.38 5.77 -7.50
C ASP A 110 11.44 4.76 -7.14
N TYR A 111 11.14 3.47 -7.37
CA TYR A 111 12.12 2.46 -7.10
C TYR A 111 13.29 2.66 -8.07
N MET A 112 13.02 3.10 -9.29
CA MET A 112 14.11 3.37 -10.29
C MET A 112 15.08 4.51 -9.90
N LEU A 113 14.52 5.60 -9.37
CA LEU A 113 15.29 6.63 -8.71
C LEU A 113 16.16 6.13 -7.56
N PHE A 114 15.54 5.36 -6.65
CA PHE A 114 16.23 4.70 -5.54
C PHE A 114 17.41 3.85 -5.99
N LYS A 115 17.26 3.04 -7.02
CA LYS A 115 18.37 2.22 -7.60
C LYS A 115 19.51 3.03 -8.13
N GLN A 116 19.15 4.08 -8.87
CA GLN A 116 20.13 4.93 -9.43
C GLN A 116 20.91 5.59 -8.30
N ALA A 117 20.24 6.11 -7.29
CA ALA A 117 20.90 6.72 -6.12
C ALA A 117 21.77 5.67 -5.40
N PHE A 118 21.28 4.45 -5.36
CA PHE A 118 22.06 3.36 -4.80
C PHE A 118 23.37 3.18 -5.57
N CYS A 119 23.33 3.24 -6.91
CA CYS A 119 24.58 3.13 -7.66
C CYS A 119 25.62 4.17 -7.29
N VAL A 120 25.19 5.42 -7.20
CA VAL A 120 26.06 6.53 -6.89
C VAL A 120 26.69 6.27 -5.56
N MET A 121 25.90 5.83 -4.58
CA MET A 121 26.45 5.59 -3.25
C MET A 121 27.32 4.31 -3.18
N GLU A 122 27.01 3.30 -3.99
CA GLU A 122 27.73 2.06 -3.98
C GLU A 122 29.18 2.32 -4.43
N ASN A 123 29.36 3.31 -5.31
CA ASN A 123 30.68 3.73 -5.77
C ASN A 123 31.26 4.80 -4.89
N LYS A 124 30.51 5.24 -3.90
CA LYS A 124 30.99 6.31 -3.01
C LYS A 124 31.08 7.71 -3.64
N GLU A 125 30.40 7.94 -4.76
CA GLU A 125 30.40 9.28 -5.39
C GLU A 125 29.76 10.38 -4.52
N HIS A 126 28.82 9.99 -3.66
CA HIS A 126 28.16 10.93 -2.77
C HIS A 126 29.12 11.50 -1.76
N LEU A 127 30.33 11.00 -1.69
CA LEU A 127 31.33 11.59 -0.81
C LEU A 127 32.03 12.82 -1.41
N LYS A 128 31.77 13.11 -2.67
CA LYS A 128 32.41 14.25 -3.32
C LYS A 128 31.34 15.08 -4.01
N ILE A 129 31.70 16.28 -4.47
CA ILE A 129 30.69 17.27 -4.87
C ILE A 129 29.92 16.83 -6.10
N ASN A 130 30.57 16.05 -6.96
CA ASN A 130 29.86 15.57 -8.15
C ASN A 130 28.78 14.55 -7.82
N GLY A 131 29.00 13.74 -6.81
CA GLY A 131 28.03 12.73 -6.51
C GLY A 131 26.84 13.34 -5.81
N ILE A 132 27.07 14.33 -4.93
CA ILE A 132 25.98 15.04 -4.28
C ILE A 132 25.14 15.73 -5.35
N LYS A 133 25.77 16.31 -6.38
CA LYS A 133 24.99 16.93 -7.43
C LYS A 133 24.08 15.91 -8.13
N GLU A 134 24.58 14.72 -8.37
CA GLU A 134 23.77 13.72 -9.04
C GLU A 134 22.59 13.33 -8.14
N LEU A 135 22.84 13.19 -6.84
CA LEU A 135 21.78 12.73 -5.95
C LEU A 135 20.71 13.82 -5.85
N VAL A 136 21.13 15.09 -6.00
CA VAL A 136 20.22 16.20 -6.04
C VAL A 136 19.32 16.11 -7.28
N ARG A 137 19.91 15.83 -8.41
CA ARG A 137 19.08 15.67 -9.60
C ARG A 137 18.07 14.52 -9.44
N ILE A 138 18.48 13.39 -8.82
CA ILE A 138 17.60 12.28 -8.60
C ILE A 138 16.55 12.67 -7.56
N LYS A 139 16.94 13.31 -6.47
CA LYS A 139 16.00 13.61 -5.41
C LYS A 139 14.98 14.64 -5.87
N ALA A 140 15.42 15.52 -6.79
CA ALA A 140 14.51 16.48 -7.40
C ALA A 140 13.24 15.82 -7.98
N LYS A 141 13.28 14.50 -8.27
CA LYS A 141 12.14 13.85 -8.95
C LYS A 141 11.49 12.88 -8.05
N LEU A 142 11.99 12.77 -6.85
CA LEU A 142 11.49 11.76 -5.91
C LEU A 142 10.55 12.43 -4.91
N ASN A 143 9.37 11.84 -4.75
CA ASN A 143 8.35 12.29 -3.83
C ASN A 143 8.18 13.78 -3.96
N TRP A 144 8.57 14.58 -2.96
CA TRP A 144 8.27 16.02 -2.99
C TRP A 144 9.40 16.87 -3.49
N GLY A 145 10.45 16.23 -3.96
CA GLY A 145 11.55 16.97 -4.59
C GLY A 145 12.44 17.75 -3.66
N LEU A 146 12.98 18.87 -4.12
CA LEU A 146 13.92 19.63 -3.36
C LEU A 146 13.27 20.66 -2.41
N THR A 147 13.88 20.90 -1.26
CA THR A 147 13.57 22.05 -0.46
C THR A 147 14.09 23.26 -1.19
N ASP A 148 13.45 24.39 -0.95
CA ASP A 148 13.88 25.67 -1.47
C ASP A 148 15.38 25.86 -1.24
N GLU A 149 15.85 25.37 -0.09
CA GLU A 149 17.21 25.62 0.35
C GLU A 149 18.16 24.77 -0.42
N LEU A 150 17.75 23.54 -0.68
CA LEU A 150 18.47 22.66 -1.60
C LEU A 150 18.55 23.20 -3.02
N LYS A 151 17.44 23.76 -3.53
CA LYS A 151 17.50 24.43 -4.83
C LYS A 151 18.48 25.59 -4.91
N LYS A 152 18.61 26.41 -3.86
CA LYS A 152 19.62 27.51 -3.94
C LYS A 152 21.02 26.92 -4.04
N ALA A 153 21.27 25.93 -3.18
CA ALA A 153 22.57 25.29 -3.09
C ALA A 153 22.97 24.67 -4.42
N PHE A 154 22.03 23.96 -5.05
CA PHE A 154 22.26 23.32 -6.35
C PHE A 154 21.19 23.76 -7.34
N PRO A 155 21.33 24.96 -7.89
CA PRO A 155 20.32 25.46 -8.79
C PRO A 155 20.27 24.79 -10.18
N GLU A 156 21.12 23.78 -10.39
CA GLU A 156 21.20 23.06 -11.66
C GLU A 156 19.84 22.63 -12.24
N ILE A 157 19.80 22.50 -13.57
CA ILE A 157 18.55 22.13 -14.25
C ILE A 157 18.19 20.69 -14.00
N ILE A 158 16.92 20.45 -13.76
CA ILE A 158 16.45 19.13 -13.47
C ILE A 158 15.76 18.49 -14.69
N SER A 159 16.13 17.24 -14.93
CA SER A 159 15.64 16.37 -16.03
C SER A 159 14.14 16.53 -16.41
N SER A 163 7.61 9.94 -17.12
CA SER A 163 6.48 9.44 -17.93
C SER A 163 5.80 8.22 -17.26
N LEU A 164 4.48 8.14 -17.44
CA LEU A 164 3.62 7.28 -16.61
C LEU A 164 3.94 5.81 -16.75
N ILE A 165 4.02 5.11 -15.61
CA ILE A 165 4.34 3.69 -15.67
C ILE A 165 3.09 2.91 -16.07
N ASN A 166 3.23 2.04 -17.07
CA ASN A 166 2.10 1.30 -17.54
C ASN A 166 2.31 -0.24 -17.50
N LYS A 167 1.83 -0.90 -16.44
CA LYS A 167 2.15 -2.31 -16.21
C LYS A 167 0.95 -3.18 -15.77
N ASN A 168 1.04 -4.49 -16.09
CA ASN A 168 -0.01 -5.48 -15.84
C ASN A 168 0.09 -6.16 -14.47
N ILE A 169 -1.05 -6.50 -13.93
CA ILE A 169 -1.14 -7.29 -12.73
C ILE A 169 -0.43 -8.61 -12.93
N PRO A 170 0.51 -8.92 -12.03
CA PRO A 170 1.33 -10.15 -12.31
C PRO A 170 0.57 -11.41 -11.96
N ASN A 171 -0.21 -11.37 -10.85
CA ASN A 171 -0.95 -12.54 -10.38
C ASN A 171 -1.80 -12.16 -9.16
N PHE A 172 -2.53 -13.11 -8.61
CA PHE A 172 -3.47 -12.87 -7.50
C PHE A 172 -2.79 -12.61 -6.16
N LYS A 173 -1.56 -13.09 -6.03
CA LYS A 173 -0.75 -12.85 -4.81
C LYS A 173 -0.44 -11.38 -4.73
N TRP A 174 0.03 -10.80 -5.81
CA TRP A 174 0.22 -9.35 -5.85
C TRP A 174 -1.09 -8.63 -5.44
N LEU A 175 -2.21 -9.16 -5.92
CA LEU A 175 -3.49 -8.51 -5.68
C LEU A 175 -3.87 -8.59 -4.22
N ALA A 176 -3.63 -9.75 -3.58
CA ALA A 176 -3.88 -9.89 -2.11
C ALA A 176 -3.06 -8.88 -1.30
N GLY A 177 -1.78 -8.75 -1.62
CA GLY A 177 -0.98 -7.72 -0.97
C GLY A 177 -1.46 -6.29 -1.20
N PHE A 178 -1.81 -5.99 -2.42
CA PHE A 178 -2.24 -4.62 -2.72
C PHE A 178 -3.59 -4.30 -2.00
N THR A 179 -4.47 -5.29 -1.96
CA THR A 179 -5.77 -5.08 -1.36
C THR A 179 -5.61 -4.89 0.15
N SER A 180 -4.65 -5.62 0.74
CA SER A 180 -4.35 -5.53 2.12
C SER A 180 -3.97 -4.11 2.48
N GLY A 181 -3.58 -3.27 1.53
CA GLY A 181 -3.39 -1.85 1.88
C GLY A 181 -4.53 -0.91 1.47
N GLU A 182 -4.89 -1.03 0.21
CA GLU A 182 -5.79 -0.09 -0.40
C GLU A 182 -7.26 -0.55 -0.53
N GLY A 183 -7.54 -1.79 -0.23
CA GLY A 183 -8.91 -2.28 -0.31
C GLY A 183 -9.78 -1.95 0.91
N CYS A 184 -11.08 -2.13 0.74
CA CYS A 184 -12.05 -1.94 1.81
C CYS A 184 -13.19 -2.96 1.59
N PHE A 185 -13.54 -3.69 2.66
CA PHE A 185 -14.66 -4.62 2.69
C PHE A 185 -15.71 -3.98 3.57
N PHE A 186 -16.79 -3.53 2.96
CA PHE A 186 -17.71 -2.70 3.65
C PHE A 186 -19.10 -3.32 3.57
N VAL A 187 -19.87 -3.14 4.63
CA VAL A 187 -21.28 -3.52 4.66
C VAL A 187 -22.12 -2.20 4.67
N ASN A 188 -22.78 -1.94 3.54
CA ASN A 188 -23.51 -0.71 3.40
C ASN A 188 -24.95 -1.00 3.79
N LEU A 189 -25.55 -0.11 4.57
CA LEU A 189 -26.91 -0.33 5.08
C LEU A 189 -27.77 0.79 4.56
N ILE A 190 -28.55 0.45 3.54
CA ILE A 190 -29.36 1.39 2.80
C ILE A 190 -30.79 1.43 3.41
N LYS A 191 -31.19 2.63 3.84
CA LYS A 191 -32.57 2.93 4.25
C LYS A 191 -33.48 2.73 3.06
N SER A 192 -34.35 1.73 3.14
CA SER A 192 -35.01 1.24 1.96
C SER A 192 -36.49 0.98 2.16
N LYS A 193 -37.23 0.97 1.05
CA LYS A 193 -38.69 0.85 1.05
C LYS A 193 -39.11 -0.60 1.06
N SER A 194 -38.14 -1.47 1.28
CA SER A 194 -38.36 -2.88 1.51
C SER A 194 -39.10 -3.10 2.86
N LYS A 195 -39.49 -4.35 3.09
CA LYS A 195 -40.17 -4.76 4.32
C LYS A 195 -39.44 -4.29 5.59
N LEU A 196 -38.26 -4.86 5.84
CA LEU A 196 -37.46 -4.54 7.01
C LEU A 196 -37.09 -3.06 7.08
N GLY A 197 -37.22 -2.35 5.95
CA GLY A 197 -36.77 -0.96 5.86
C GLY A 197 -35.26 -0.71 5.79
N VAL A 198 -34.47 -1.76 5.67
CA VAL A 198 -33.03 -1.60 5.48
C VAL A 198 -32.51 -2.62 4.48
N GLN A 199 -31.85 -2.18 3.43
CA GLN A 199 -31.21 -3.10 2.48
C GLN A 199 -29.71 -3.23 2.83
N VAL A 200 -29.21 -4.46 2.91
CA VAL A 200 -27.79 -4.82 3.08
C VAL A 200 -27.09 -4.96 1.72
N GLN A 201 -26.09 -4.12 1.50
CA GLN A 201 -25.27 -4.18 0.30
C GLN A 201 -23.77 -4.28 0.63
N LEU A 202 -23.13 -5.35 0.16
CA LEU A 202 -21.73 -5.57 0.32
C LEU A 202 -21.00 -4.66 -0.65
N VAL A 203 -20.01 -3.93 -0.16
CA VAL A 203 -19.22 -3.14 -1.10
C VAL A 203 -17.77 -3.50 -1.00
N PHE A 204 -17.18 -3.76 -2.16
CA PHE A 204 -15.72 -3.91 -2.30
C PHE A 204 -15.15 -2.71 -3.01
N SER A 205 -14.09 -2.12 -2.47
CA SER A 205 -13.41 -1.05 -3.20
C SER A 205 -11.92 -1.13 -3.06
N ILE A 206 -11.22 -0.55 -4.04
CA ILE A 206 -9.81 -0.31 -3.92
C ILE A 206 -9.66 1.14 -4.31
N THR A 207 -9.10 1.91 -3.38
CA THR A 207 -8.94 3.37 -3.54
C THR A 207 -7.52 3.80 -3.94
N GLN A 208 -7.42 4.57 -4.99
CA GLN A 208 -6.11 4.89 -5.62
C GLN A 208 -6.04 6.36 -6.16
N HIS A 209 -4.81 6.93 -6.19
CA HIS A 209 -4.60 8.27 -6.73
C HIS A 209 -4.81 8.19 -8.25
N ILE A 210 -5.13 9.33 -8.86
CA ILE A 210 -5.47 9.40 -10.31
C ILE A 210 -4.41 8.88 -11.31
N LYS A 211 -3.15 8.99 -10.94
CA LYS A 211 -2.03 8.55 -11.77
C LYS A 211 -2.10 7.08 -12.17
N ASP A 212 -2.74 6.27 -11.34
CA ASP A 212 -2.82 4.85 -11.59
C ASP A 212 -4.15 4.41 -12.13
N LYS A 213 -4.81 5.35 -12.82
CA LYS A 213 -5.98 5.06 -13.64
C LYS A 213 -5.87 3.80 -14.49
N ASN A 214 -4.70 3.51 -15.09
CA ASN A 214 -4.71 2.40 -16.08
C ASN A 214 -4.72 1.05 -15.38
N LEU A 215 -3.94 0.99 -14.33
CA LEU A 215 -3.97 -0.09 -13.40
C LEU A 215 -5.39 -0.36 -12.89
N MET A 216 -6.06 0.69 -12.39
CA MET A 216 -7.43 0.56 -11.89
C MET A 216 -8.39 0.05 -12.97
N ASN A 217 -8.37 0.67 -14.12
CA ASN A 217 -9.14 0.16 -15.25
C ASN A 217 -8.90 -1.31 -15.52
N SER A 218 -7.64 -1.74 -15.49
CA SER A 218 -7.32 -3.14 -15.82
C SER A 218 -7.68 -4.11 -14.70
N LEU A 219 -8.14 -3.60 -13.56
CA LEU A 219 -8.66 -4.45 -12.51
C LEU A 219 -10.01 -5.00 -12.93
N ILE A 220 -10.71 -4.25 -13.77
CA ILE A 220 -12.01 -4.70 -14.24
C ILE A 220 -11.86 -5.94 -15.11
N THR A 221 -10.85 -5.95 -15.98
CA THR A 221 -10.61 -7.11 -16.85
C THR A 221 -10.09 -8.23 -15.95
N TYR A 222 -9.26 -7.87 -14.99
CA TYR A 222 -8.64 -8.90 -14.21
C TYR A 222 -9.63 -9.73 -13.31
N LEU A 223 -10.57 -9.07 -12.66
CA LEU A 223 -11.47 -9.75 -11.74
C LEU A 223 -12.77 -10.20 -12.43
N GLY A 224 -12.99 -9.66 -13.63
CA GLY A 224 -14.16 -9.98 -14.41
C GLY A 224 -15.41 -9.28 -13.89
N CYS A 225 -15.21 -8.16 -13.19
CA CYS A 225 -16.32 -7.39 -12.63
C CYS A 225 -15.97 -5.96 -12.19
N GLY A 226 -16.96 -5.18 -11.78
CA GLY A 226 -16.72 -3.88 -11.13
C GLY A 226 -16.58 -2.66 -12.04
N TYR A 227 -16.41 -1.49 -11.44
CA TYR A 227 -16.36 -0.24 -12.19
C TYR A 227 -15.54 0.83 -11.47
N ILE A 228 -15.21 1.90 -12.19
CA ILE A 228 -14.39 2.98 -11.67
C ILE A 228 -15.24 4.19 -11.28
N LYS A 229 -14.95 4.77 -10.12
CA LYS A 229 -15.59 6.02 -9.70
C LYS A 229 -14.55 7.12 -9.46
N GLU A 230 -14.78 8.29 -10.06
CA GLU A 230 -13.97 9.49 -9.81
C GLU A 230 -14.64 10.25 -8.63
N LYS A 231 -13.90 10.42 -7.54
CA LYS A 231 -14.40 11.16 -6.37
C LYS A 231 -13.56 12.41 -6.13
N ASN A 232 -14.15 13.45 -5.56
CA ASN A 232 -13.34 14.63 -5.18
C ASN A 232 -13.67 15.28 -3.83
N LYS A 233 -12.71 16.06 -3.31
CA LYS A 233 -12.79 16.79 -2.03
C LYS A 233 -12.20 18.19 -2.20
N SER A 234 -13.03 19.07 -2.76
CA SER A 234 -12.59 20.38 -3.19
C SER A 234 -11.34 20.30 -4.09
N GLU A 235 -10.18 20.67 -3.57
CA GLU A 235 -8.95 20.75 -4.34
C GLU A 235 -8.34 19.39 -4.79
N PHE A 236 -8.79 18.30 -4.18
CA PHE A 236 -8.15 17.00 -4.38
C PHE A 236 -9.13 15.97 -4.95
N SER A 237 -8.60 15.06 -5.78
CA SER A 237 -9.37 14.07 -6.51
C SER A 237 -8.72 12.69 -6.31
N TRP A 238 -9.53 11.61 -6.29
CA TRP A 238 -9.02 10.22 -6.23
C TRP A 238 -9.96 9.25 -6.97
N LEU A 239 -9.54 8.00 -7.18
CA LEU A 239 -10.29 6.98 -7.90
C LEU A 239 -10.68 5.81 -6.99
N ASP A 240 -11.84 5.19 -7.24
CA ASP A 240 -12.19 3.92 -6.58
C ASP A 240 -12.49 2.83 -7.65
N PHE A 241 -11.91 1.65 -7.48
CA PHE A 241 -12.42 0.50 -8.21
C PHE A 241 -13.48 -0.02 -7.27
N VAL A 242 -14.70 -0.23 -7.78
CA VAL A 242 -15.83 -0.59 -6.94
C VAL A 242 -16.64 -1.78 -7.44
N VAL A 243 -16.96 -2.71 -6.54
CA VAL A 243 -17.87 -3.78 -6.92
C VAL A 243 -19.05 -3.82 -5.99
N THR A 244 -20.26 -3.72 -6.57
CA THR A 244 -21.53 -3.73 -5.81
C THR A 244 -22.46 -4.84 -6.19
N LYS A 245 -22.20 -5.51 -7.30
CA LYS A 245 -23.13 -6.54 -7.71
C LYS A 245 -22.95 -7.78 -6.80
N PHE A 246 -23.99 -8.20 -6.06
CA PHE A 246 -23.71 -9.30 -5.12
C PHE A 246 -23.11 -10.57 -5.72
N SER A 247 -23.63 -11.07 -6.82
CA SER A 247 -23.08 -12.30 -7.44
C SER A 247 -21.62 -12.17 -7.88
N ASP A 248 -21.17 -10.95 -8.16
CA ASP A 248 -19.76 -10.74 -8.47
C ASP A 248 -18.88 -10.88 -7.21
N ILE A 249 -19.31 -10.26 -6.13
CA ILE A 249 -18.66 -10.36 -4.84
C ILE A 249 -18.54 -11.82 -4.40
N ASN A 250 -19.62 -12.56 -4.44
CA ASN A 250 -19.65 -13.98 -3.96
C ASN A 250 -18.88 -14.96 -4.85
N ASP A 251 -18.92 -14.76 -6.17
CA ASP A 251 -18.37 -15.74 -7.12
C ASP A 251 -17.01 -15.30 -7.64
N LYS A 252 -16.68 -14.01 -7.50
CA LYS A 252 -15.42 -13.50 -8.05
C LYS A 252 -14.54 -13.00 -6.94
N ILE A 253 -15.01 -12.03 -6.19
CA ILE A 253 -14.17 -11.43 -5.18
C ILE A 253 -13.86 -12.34 -4.00
N ILE A 254 -14.88 -12.81 -3.30
CA ILE A 254 -14.63 -13.70 -2.19
C ILE A 254 -13.62 -14.87 -2.52
N PRO A 255 -13.86 -15.71 -3.58
CA PRO A 255 -12.93 -16.83 -3.82
C PRO A 255 -11.48 -16.37 -4.05
N VAL A 256 -11.30 -15.20 -4.65
CA VAL A 256 -9.98 -14.77 -4.90
C VAL A 256 -9.25 -14.63 -3.57
N PHE A 257 -9.86 -13.96 -2.59
CA PHE A 257 -9.13 -13.73 -1.35
C PHE A 257 -9.17 -14.87 -0.35
N GLN A 258 -10.09 -15.80 -0.55
CA GLN A 258 -10.03 -17.10 0.16
C GLN A 258 -8.80 -17.90 -0.31
N GLU A 259 -8.47 -17.83 -1.60
CA GLU A 259 -7.29 -18.51 -2.12
C GLU A 259 -6.01 -17.75 -1.83
N ASN A 260 -6.08 -16.43 -1.76
CA ASN A 260 -4.88 -15.62 -1.63
C ASN A 260 -4.99 -14.72 -0.41
N THR A 261 -4.45 -15.21 0.69
CA THR A 261 -4.74 -14.73 2.01
C THR A 261 -4.34 -13.25 2.27
N LEU A 262 -5.32 -12.41 2.65
CA LEU A 262 -5.02 -11.05 3.11
C LEU A 262 -4.07 -11.08 4.32
N ILE A 263 -3.34 -9.98 4.54
CA ILE A 263 -2.48 -9.82 5.71
C ILE A 263 -2.91 -8.60 6.54
N GLY A 264 -2.64 -8.61 7.83
CA GLY A 264 -3.00 -7.49 8.73
C GLY A 264 -4.44 -7.59 9.22
N VAL A 265 -4.88 -6.62 10.00
CA VAL A 265 -6.21 -6.57 10.53
C VAL A 265 -7.29 -6.66 9.41
N LYS A 266 -6.93 -6.33 8.18
CA LYS A 266 -7.94 -6.43 7.10
C LYS A 266 -8.34 -7.87 6.83
N LEU A 267 -7.46 -8.84 7.11
CA LEU A 267 -7.86 -10.24 7.08
C LEU A 267 -9.15 -10.46 7.90
N GLU A 268 -9.22 -9.88 9.11
CA GLU A 268 -10.37 -10.07 10.01
C GLU A 268 -11.57 -9.32 9.48
N ASP A 269 -11.36 -8.15 8.86
CA ASP A 269 -12.47 -7.44 8.22
C ASP A 269 -12.99 -8.26 7.07
N PHE A 270 -12.10 -8.94 6.35
CA PHE A 270 -12.52 -9.79 5.22
C PHE A 270 -13.40 -10.99 5.66
N GLU A 271 -12.99 -11.69 6.71
CA GLU A 271 -13.73 -12.89 7.18
C GLU A 271 -15.07 -12.46 7.72
N ASP A 272 -15.12 -11.28 8.32
CA ASP A 272 -16.38 -10.72 8.84
C ASP A 272 -17.33 -10.42 7.69
N TRP A 273 -16.80 -9.86 6.60
CA TRP A 273 -17.57 -9.54 5.40
C TRP A 273 -18.09 -10.79 4.68
N CYS A 274 -17.28 -11.86 4.64
CA CYS A 274 -17.72 -13.20 4.16
C CYS A 274 -18.85 -13.79 5.00
N LYS A 275 -18.82 -13.54 6.32
CA LYS A 275 -19.90 -14.05 7.17
C LYS A 275 -21.20 -13.43 6.69
N VAL A 276 -21.17 -12.14 6.35
CA VAL A 276 -22.36 -11.45 5.87
C VAL A 276 -22.72 -12.01 4.48
N ALA A 277 -21.71 -12.23 3.63
CA ALA A 277 -21.95 -12.88 2.34
C ALA A 277 -22.66 -14.21 2.45
N LYS A 278 -22.30 -15.08 3.41
CA LYS A 278 -23.07 -16.35 3.58
C LYS A 278 -24.53 -16.10 3.93
N LEU A 279 -24.77 -15.22 4.90
CA LEU A 279 -26.09 -14.75 5.21
C LEU A 279 -26.90 -14.24 4.02
N ILE A 280 -26.29 -13.44 3.14
CA ILE A 280 -27.00 -12.92 1.97
C ILE A 280 -27.23 -14.04 0.95
N GLU A 281 -26.23 -14.92 0.76
CA GLU A 281 -26.36 -16.10 -0.11
C GLU A 281 -27.64 -16.84 0.31
N GLU A 282 -27.87 -16.93 1.61
CA GLU A 282 -29.04 -17.67 2.14
C GLU A 282 -30.32 -16.86 2.23
N LYS A 283 -30.24 -15.58 1.87
CA LYS A 283 -31.45 -14.75 1.85
C LYS A 283 -31.83 -14.34 3.28
N LYS A 284 -30.89 -14.52 4.22
CA LYS A 284 -31.16 -14.26 5.63
C LYS A 284 -31.14 -12.79 5.98
N HIS A 285 -30.63 -11.98 5.07
CA HIS A 285 -30.58 -10.55 5.31
C HIS A 285 -31.95 -9.97 5.14
N LEU A 286 -32.85 -10.80 4.60
CA LEU A 286 -34.20 -10.38 4.33
C LEU A 286 -35.15 -10.77 5.46
N THR A 287 -34.60 -11.26 6.57
CA THR A 287 -35.38 -11.50 7.79
C THR A 287 -34.82 -10.63 8.91
N GLU A 288 -35.64 -10.26 9.88
CA GLU A 288 -35.19 -9.44 10.99
C GLU A 288 -33.97 -10.03 11.72
N SER A 289 -34.03 -11.31 12.07
CA SER A 289 -32.97 -11.94 12.85
C SER A 289 -31.58 -11.89 12.13
N GLY A 290 -31.57 -12.16 10.84
CA GLY A 290 -30.38 -12.01 10.03
C GLY A 290 -29.92 -10.56 9.81
N LEU A 291 -30.85 -9.62 9.73
CA LEU A 291 -30.45 -8.24 9.59
C LEU A 291 -29.70 -7.79 10.85
N ASP A 292 -30.09 -8.33 11.99
CA ASP A 292 -29.57 -7.92 13.26
C ASP A 292 -28.20 -8.45 13.50
N GLU A 293 -27.97 -9.68 13.05
CA GLU A 293 -26.66 -10.31 13.12
C GLU A 293 -25.66 -9.46 12.26
N ILE A 294 -26.08 -9.16 11.02
CA ILE A 294 -25.33 -8.28 10.11
C ILE A 294 -25.02 -6.91 10.76
N LYS A 295 -26.01 -6.28 11.38
CA LYS A 295 -25.81 -5.02 12.05
C LYS A 295 -24.72 -5.13 13.14
N LYS A 296 -24.71 -6.25 13.85
CA LYS A 296 -23.73 -6.55 14.87
C LYS A 296 -22.36 -6.81 14.21
N ILE A 297 -22.32 -7.63 13.15
CA ILE A 297 -21.05 -7.82 12.46
C ILE A 297 -20.47 -6.47 11.95
N LYS A 298 -21.29 -5.65 11.30
CA LYS A 298 -20.83 -4.38 10.80
C LYS A 298 -20.28 -3.54 11.99
N LEU A 299 -21.06 -3.46 13.05
CA LEU A 299 -20.71 -2.60 14.18
C LEU A 299 -19.27 -2.86 14.61
N ASN A 300 -18.83 -4.10 14.55
CA ASN A 300 -17.56 -4.45 15.14
C ASN A 300 -16.46 -4.69 14.09
N MET A 301 -16.74 -4.37 12.84
CA MET A 301 -15.71 -4.43 11.84
C MET A 301 -15.10 -3.02 11.46
N ASN A 302 -13.96 -3.05 10.77
CA ASN A 302 -13.29 -1.84 10.26
C ASN A 302 -13.00 -0.82 11.34
N LYS A 303 -13.57 0.39 11.24
CA LYS A 303 -13.27 1.39 12.27
C LYS A 303 -13.84 0.97 13.66
N GLY A 304 -14.84 0.09 13.64
CA GLY A 304 -15.48 -0.41 14.85
C GLY A 304 -14.74 -1.56 15.53
N ARG A 305 -13.66 -2.04 14.88
CA ARG A 305 -12.95 -3.22 15.36
C ARG A 305 -12.08 -2.87 16.53
N VAL A 306 -12.09 -3.71 17.55
CA VAL A 306 -11.26 -3.46 18.71
C VAL A 306 -10.11 -4.48 18.67
N PHE A 307 -10.48 -5.74 18.42
CA PHE A 307 -9.51 -6.82 18.19
C PHE A 307 -9.74 -7.64 16.91
#